data_7SLY
#
_entry.id   7SLY
#
_cell.length_a   64.980
_cell.length_b   110.973
_cell.length_c   147.885
_cell.angle_alpha   90.000
_cell.angle_beta   90.000
_cell.angle_gamma   90.000
#
_symmetry.space_group_name_H-M   'I 2 2 2'
#
loop_
_entity.id
_entity.type
_entity.pdbx_description
1 polymer Pantetheinase
2 branched beta-D-mannopyranose-(1-4)-2-acetamido-2-deoxy-beta-D-glucopyranose-(1-4)-2-acetamido-2-deoxy-beta-D-glucopyranose
3 branched beta-D-mannopyranose-(1-3)-beta-D-mannopyranose-(1-6)-[beta-D-mannopyranose-(1-3)]beta-D-mannopyranose-(1-4)-2-acetamido-2-deoxy-beta-D-glucopyranose-(1-4)-2-acetamido-2-deoxy-beta-D-glucopyranose
4 non-polymer 2-acetamido-2-deoxy-beta-D-glucopyranose
5 non-polymer (8-oxa-2-azaspiro[4.5]decan-2-yl)(2-{[(1S)-1-(pyrazin-2-yl)ethyl]amino}pyrimidin-5-yl)methanone
6 water water
#
_entity_poly.entity_id   1
_entity_poly.type   'polypeptide(L)'
_entity_poly.pdbx_seq_one_letter_code
;GSGHHHHHHGSGDYKDDDDKQDTFTAAVYEHAAILPNATLTPVSREEALALMNRNLDILEGAITSAADQGAHIIVTPEDA
IYGWNFNRDSLYPYLEDIPDPEVNWIPCNNRNRFGQTPVQERLSCLAKNNSIYVVANIGDKKPCDTSDPQCPPDGRYQYN
TDVVFDSQGKLVARYHKQNLFMGENQFNVPKEPEIVTFNTTFGSFGIFTCFDILFHDPAVTLVKDFHVDTIVFPTAWMNV
LPHLSAVEFHSAWAMGMRVNFLASNIHYPSKKMTGSGIYAPNSSRAFHYDMKTEEGKLLLSQLDSHPSHSAVVNWTSYAS
SIEALSSGNKEFKGTVFFDEFTFVKLTGVAGNYTVCQKDLCCHLSYKMSENIPNEVYALGAFDGLHTVEGRYYLQICTLL
KCKTTNLNTCGDSAETASTRFEMFSLSGTFGTQYVFPEVLLSENQLAPGEFQVSTDGRLFSLKPTSGPVLTVTLFGRLYE
KD
;
_entity_poly.pdbx_strand_id   A
#
loop_
_chem_comp.id
_chem_comp.type
_chem_comp.name
_chem_comp.formula
9S5 non-polymer (8-oxa-2-azaspiro[4.5]decan-2-yl)(2-{[(1S)-1-(pyrazin-2-yl)ethyl]amino}pyrimidin-5-yl)methanone 'C19 H24 N6 O2'
BMA D-saccharide, beta linking beta-D-mannopyranose 'C6 H12 O6'
NAG D-saccharide, beta linking 2-acetamido-2-deoxy-beta-D-glucopyranose 'C8 H15 N O6'
#
# COMPACT_ATOMS: atom_id res chain seq x y z
N ASP A 22 -14.68 19.90 -8.88
CA ASP A 22 -13.25 20.01 -9.11
C ASP A 22 -12.62 18.60 -9.18
N THR A 23 -11.79 18.40 -10.22
CA THR A 23 -11.03 17.18 -10.48
C THR A 23 -9.55 17.51 -10.68
N PHE A 24 -8.70 16.50 -10.71
CA PHE A 24 -7.27 16.68 -10.95
C PHE A 24 -6.72 15.45 -11.61
N THR A 25 -5.57 15.58 -12.24
CA THR A 25 -4.93 14.45 -12.88
C THR A 25 -3.83 13.94 -11.98
N ALA A 26 -3.96 12.72 -11.54
CA ALA A 26 -2.99 12.06 -10.67
C ALA A 26 -2.02 11.22 -11.52
N ALA A 27 -0.73 11.17 -11.14
CA ALA A 27 0.23 10.27 -11.79
C ALA A 27 1.03 9.44 -10.76
N VAL A 28 1.33 8.18 -11.10
CA VAL A 28 2.22 7.32 -10.33
C VAL A 28 3.20 6.66 -11.29
N TYR A 29 4.45 6.49 -10.86
CA TYR A 29 5.44 5.80 -11.65
C TYR A 29 5.97 4.59 -10.91
N GLU A 30 5.88 3.41 -11.54
CA GLU A 30 6.48 2.15 -11.04
C GLU A 30 7.89 2.17 -11.66
N HIS A 31 8.93 2.03 -10.83
CA HIS A 31 10.34 2.21 -11.20
C HIS A 31 11.21 0.98 -11.06
N ALA A 32 11.89 0.61 -12.15
CA ALA A 32 12.89 -0.45 -12.15
C ALA A 32 14.18 0.24 -11.70
N ALA A 33 14.48 0.21 -10.40
CA ALA A 33 15.63 0.92 -9.85
C ALA A 33 16.98 0.33 -10.20
N ILE A 34 18.00 1.21 -10.29
CA ILE A 34 19.40 0.85 -10.50
C ILE A 34 19.93 0.79 -9.09
N LEU A 35 20.20 -0.41 -8.60
CA LEU A 35 20.68 -0.61 -7.23
C LEU A 35 22.19 -0.46 -7.12
N PRO A 36 22.74 0.01 -5.96
CA PRO A 36 24.20 0.09 -5.81
C PRO A 36 24.87 -1.28 -5.87
N ASN A 37 26.09 -1.35 -6.48
CA ASN A 37 26.89 -2.57 -6.65
C ASN A 37 26.96 -3.39 -5.37
N ALA A 38 27.05 -2.70 -4.21
CA ALA A 38 27.05 -3.28 -2.86
C ALA A 38 28.20 -4.30 -2.57
N THR A 39 28.81 -4.30 -1.35
CA THR A 39 28.58 -3.40 -0.22
C THR A 39 29.95 -3.23 0.47
N LEU A 40 30.22 -4.08 1.51
CA LEU A 40 31.42 -4.17 2.35
C LEU A 40 31.87 -2.82 2.95
N THR A 41 32.54 -1.96 2.15
CA THR A 41 33.04 -0.66 2.57
C THR A 41 32.12 0.45 2.02
N PRO A 42 31.66 1.42 2.87
CA PRO A 42 30.81 2.52 2.35
C PRO A 42 31.45 3.32 1.22
N VAL A 43 30.68 3.60 0.16
CA VAL A 43 31.12 4.39 -1.01
C VAL A 43 31.36 5.84 -0.62
N SER A 44 32.04 6.61 -1.48
CA SER A 44 32.26 8.03 -1.22
C SER A 44 30.99 8.77 -1.64
N ARG A 45 30.86 10.06 -1.21
CA ARG A 45 29.72 10.90 -1.55
C ARG A 45 29.54 10.97 -3.05
N GLU A 46 30.66 11.03 -3.78
CA GLU A 46 30.71 11.14 -5.24
C GLU A 46 30.17 9.90 -5.93
N GLU A 47 30.50 8.71 -5.41
CA GLU A 47 30.01 7.43 -5.95
C GLU A 47 28.51 7.29 -5.64
N ALA A 48 28.10 7.64 -4.39
CA ALA A 48 26.70 7.64 -3.90
C ALA A 48 25.84 8.55 -4.76
N LEU A 49 26.28 9.82 -4.97
CA LEU A 49 25.62 10.83 -5.78
C LEU A 49 25.44 10.40 -7.23
N ALA A 50 26.49 9.77 -7.84
CA ALA A 50 26.46 9.28 -9.23
C ALA A 50 25.34 8.25 -9.41
N LEU A 51 25.23 7.29 -8.47
CA LEU A 51 24.16 6.29 -8.51
C LEU A 51 22.79 7.00 -8.41
N MET A 52 22.64 7.83 -7.38
CA MET A 52 21.41 8.59 -7.17
C MET A 52 21.01 9.38 -8.43
N ASN A 53 22.00 9.99 -9.12
CA ASN A 53 21.73 10.71 -10.37
C ASN A 53 21.34 9.79 -11.51
N ARG A 54 21.86 8.53 -11.55
CA ARG A 54 21.42 7.53 -12.54
C ARG A 54 19.93 7.26 -12.35
N ASN A 55 19.47 7.08 -11.09
CA ASN A 55 18.04 6.88 -10.78
C ASN A 55 17.16 8.10 -11.08
N LEU A 56 17.66 9.30 -10.68
CA LEU A 56 16.99 10.58 -10.88
C LEU A 56 16.73 10.91 -12.36
N ASP A 57 17.71 10.53 -13.25
CA ASP A 57 17.61 10.67 -14.72
C ASP A 57 16.39 9.93 -15.25
N ILE A 58 16.12 8.73 -14.69
CA ILE A 58 14.95 7.92 -15.08
C ILE A 58 13.66 8.56 -14.52
N LEU A 59 13.68 8.98 -13.24
CA LEU A 59 12.50 9.63 -12.63
C LEU A 59 12.17 10.93 -13.36
N GLU A 60 13.21 11.67 -13.81
CA GLU A 60 13.06 12.87 -14.66
C GLU A 60 12.20 12.56 -15.91
N GLY A 61 12.43 11.40 -16.52
CA GLY A 61 11.63 10.99 -17.68
C GLY A 61 10.16 10.85 -17.37
N ALA A 62 9.84 10.24 -16.22
CA ALA A 62 8.45 10.02 -15.83
C ALA A 62 7.78 11.32 -15.41
N ILE A 63 8.50 12.17 -14.66
CA ILE A 63 7.95 13.45 -14.17
C ILE A 63 7.54 14.38 -15.37
N THR A 64 8.50 14.60 -16.33
CA THR A 64 8.28 15.38 -17.58
C THR A 64 7.11 14.85 -18.43
N SER A 65 7.00 13.51 -18.65
CA SER A 65 5.86 12.93 -19.42
C SER A 65 4.55 13.17 -18.73
N ALA A 66 4.52 12.89 -17.38
CA ALA A 66 3.30 13.08 -16.58
C ALA A 66 2.85 14.54 -16.69
N ALA A 67 3.79 15.47 -16.50
CA ALA A 67 3.55 16.92 -16.60
C ALA A 67 3.05 17.30 -18.02
N ASP A 68 3.69 16.73 -19.08
CA ASP A 68 3.26 16.94 -20.48
C ASP A 68 1.82 16.35 -20.68
N GLN A 69 1.46 15.27 -19.96
CA GLN A 69 0.11 14.69 -20.08
C GLN A 69 -0.93 15.33 -19.13
N GLY A 70 -0.59 16.46 -18.51
CA GLY A 70 -1.52 17.20 -17.66
C GLY A 70 -1.61 16.81 -16.20
N ALA A 71 -0.66 16.02 -15.67
CA ALA A 71 -0.76 15.60 -14.26
C ALA A 71 -0.44 16.74 -13.27
N HIS A 72 -1.25 16.88 -12.21
CA HIS A 72 -1.01 17.89 -11.18
C HIS A 72 -0.02 17.39 -10.14
N ILE A 73 0.12 16.07 -9.98
CA ILE A 73 1.04 15.50 -8.97
C ILE A 73 1.61 14.16 -9.45
N ILE A 74 2.85 13.89 -9.09
CA ILE A 74 3.41 12.59 -9.40
C ILE A 74 4.11 12.01 -8.18
N VAL A 75 3.79 10.77 -7.87
CA VAL A 75 4.40 10.00 -6.78
C VAL A 75 5.44 9.01 -7.38
N THR A 76 6.63 9.01 -6.80
CA THR A 76 7.72 8.11 -7.18
C THR A 76 7.94 7.11 -5.99
N PRO A 77 8.50 5.90 -6.22
CA PRO A 77 8.53 4.89 -5.14
C PRO A 77 9.49 5.09 -3.98
N GLU A 78 9.25 4.30 -2.91
CA GLU A 78 10.15 4.28 -1.77
C GLU A 78 11.46 3.63 -2.22
N ASP A 79 12.62 4.13 -1.72
CA ASP A 79 13.95 3.59 -2.09
C ASP A 79 14.29 3.68 -3.58
N ALA A 80 13.52 4.45 -4.37
CA ALA A 80 13.73 4.60 -5.80
C ALA A 80 15.08 5.20 -6.21
N ILE A 81 15.74 5.97 -5.33
CA ILE A 81 17.00 6.66 -5.63
C ILE A 81 18.27 5.89 -5.22
N TYR A 82 18.19 5.03 -4.19
CA TYR A 82 19.36 4.33 -3.70
C TYR A 82 19.14 2.86 -3.31
N GLY A 83 17.93 2.34 -3.51
CA GLY A 83 17.64 0.96 -3.16
C GLY A 83 17.50 0.66 -1.68
N TRP A 84 17.64 -0.61 -1.32
CA TRP A 84 17.41 -1.09 0.05
C TRP A 84 18.50 -2.00 0.69
N ASN A 85 19.69 -2.14 0.07
CA ASN A 85 20.72 -2.98 0.71
C ASN A 85 21.71 -2.11 1.46
N PHE A 86 21.47 -1.90 2.77
CA PHE A 86 22.30 -1.03 3.61
C PHE A 86 22.38 -1.44 5.07
N ASN A 87 23.43 -0.93 5.73
CA ASN A 87 23.66 -0.90 7.17
C ASN A 87 23.83 0.60 7.40
N ARG A 88 23.89 1.05 8.65
CA ARG A 88 24.04 2.47 9.00
C ARG A 88 25.19 3.17 8.27
N ASP A 89 26.39 2.58 8.29
CA ASP A 89 27.59 3.17 7.69
C ASP A 89 27.58 3.25 6.16
N SER A 90 27.07 2.21 5.48
CA SER A 90 26.98 2.20 4.02
C SER A 90 25.94 3.19 3.49
N LEU A 91 24.86 3.42 4.27
CA LEU A 91 23.79 4.35 3.93
C LEU A 91 24.24 5.82 3.97
N TYR A 92 24.98 6.20 5.02
CA TYR A 92 25.46 7.57 5.31
C TYR A 92 25.81 8.41 4.06
N PRO A 93 26.71 7.99 3.13
CA PRO A 93 27.06 8.89 2.01
C PRO A 93 25.90 9.28 1.07
N TYR A 94 24.72 8.66 1.22
CA TYR A 94 23.56 8.96 0.36
C TYR A 94 22.63 10.00 0.99
N LEU A 95 22.84 10.28 2.28
CA LEU A 95 22.01 11.13 3.10
C LEU A 95 22.25 12.64 2.97
N GLU A 96 21.17 13.43 3.07
CA GLU A 96 21.21 14.90 3.10
C GLU A 96 20.46 15.36 4.35
N ASP A 97 20.84 16.49 4.91
CA ASP A 97 20.11 17.06 6.02
C ASP A 97 18.90 17.75 5.34
N ILE A 98 17.69 17.22 5.55
CA ILE A 98 16.47 17.76 4.95
C ILE A 98 15.90 18.71 5.98
N PRO A 99 15.73 20.00 5.66
CA PRO A 99 15.26 20.94 6.68
C PRO A 99 13.76 20.82 6.90
N ASP A 100 13.28 21.50 7.94
CA ASP A 100 11.88 21.50 8.29
C ASP A 100 11.14 22.29 7.23
N PRO A 101 10.07 21.73 6.63
CA PRO A 101 9.34 22.47 5.57
C PRO A 101 8.84 23.89 5.90
N GLU A 102 8.67 24.22 7.20
CA GLU A 102 8.22 25.55 7.65
C GLU A 102 9.20 26.66 7.28
N VAL A 103 10.50 26.28 7.12
CA VAL A 103 11.68 27.06 6.72
C VAL A 103 11.43 27.86 5.42
N ASN A 104 10.44 27.47 4.60
CA ASN A 104 10.00 28.18 3.38
C ASN A 104 11.16 28.24 2.36
N TRP A 105 11.36 27.13 1.64
CA TRP A 105 12.50 26.99 0.76
C TRP A 105 12.22 26.35 -0.57
N ILE A 106 12.78 26.96 -1.62
CA ILE A 106 12.74 26.48 -2.98
C ILE A 106 14.20 26.15 -3.29
N PRO A 107 14.65 24.89 -3.06
CA PRO A 107 16.07 24.55 -3.34
C PRO A 107 16.54 24.87 -4.77
N CYS A 108 15.63 24.92 -5.76
CA CYS A 108 15.96 25.28 -7.14
C CYS A 108 16.36 26.76 -7.29
N ASN A 109 15.83 27.65 -6.43
CA ASN A 109 16.07 29.10 -6.45
C ASN A 109 17.15 29.58 -5.49
N ASN A 110 17.49 28.77 -4.47
CA ASN A 110 18.49 29.13 -3.47
C ASN A 110 19.23 27.85 -3.09
N ARG A 111 20.02 27.35 -4.03
CA ARG A 111 20.80 26.09 -4.02
C ARG A 111 21.67 25.81 -2.79
N ASN A 112 22.23 26.82 -2.12
CA ASN A 112 23.13 26.52 -0.99
C ASN A 112 22.68 27.00 0.39
N ARG A 113 21.37 27.33 0.53
CA ARG A 113 20.80 27.77 1.82
C ARG A 113 21.20 26.85 2.99
N PHE A 114 21.13 25.52 2.77
CA PHE A 114 21.38 24.49 3.78
C PHE A 114 22.60 23.60 3.48
N GLY A 115 23.65 24.21 2.95
CA GLY A 115 24.87 23.50 2.60
C GLY A 115 24.76 22.64 1.37
N GLN A 116 25.37 21.45 1.42
CA GLN A 116 25.42 20.51 0.30
C GLN A 116 24.17 19.64 0.24
N THR A 117 23.23 20.01 -0.65
CA THR A 117 21.94 19.32 -0.86
C THR A 117 21.60 19.09 -2.35
N PRO A 118 22.44 18.34 -3.12
CA PRO A 118 22.14 18.15 -4.56
C PRO A 118 20.84 17.41 -4.93
N VAL A 119 20.42 16.40 -4.13
CA VAL A 119 19.20 15.63 -4.48
C VAL A 119 17.95 16.49 -4.32
N GLN A 120 17.84 17.23 -3.19
CA GLN A 120 16.73 18.13 -2.91
C GLN A 120 16.64 19.23 -3.95
N GLU A 121 17.81 19.71 -4.38
CA GLU A 121 17.93 20.71 -5.43
C GLU A 121 17.32 20.19 -6.74
N ARG A 122 17.67 18.96 -7.16
CA ARG A 122 17.17 18.36 -8.41
C ARG A 122 15.69 18.08 -8.38
N LEU A 123 15.20 17.53 -7.26
CA LEU A 123 13.78 17.27 -7.05
C LEU A 123 12.98 18.55 -7.09
N SER A 124 13.51 19.62 -6.48
CA SER A 124 12.91 20.96 -6.49
C SER A 124 12.82 21.50 -7.93
N CYS A 125 13.93 21.36 -8.70
CA CYS A 125 13.97 21.78 -10.11
C CYS A 125 13.05 20.98 -10.99
N LEU A 126 12.93 19.63 -10.73
CA LEU A 126 12.05 18.76 -11.50
C LEU A 126 10.62 19.22 -11.34
N ALA A 127 10.22 19.54 -10.08
CA ALA A 127 8.86 19.98 -9.78
C ALA A 127 8.64 21.36 -10.36
N LYS A 128 9.60 22.27 -10.16
CA LYS A 128 9.49 23.65 -10.67
C LYS A 128 9.42 23.72 -12.21
N ASN A 129 10.44 23.21 -12.90
CA ASN A 129 10.53 23.24 -14.39
C ASN A 129 9.39 22.53 -15.06
N ASN A 130 8.80 21.51 -14.40
CA ASN A 130 7.67 20.82 -15.00
C ASN A 130 6.33 21.28 -14.46
N SER A 131 6.33 22.25 -13.50
CA SER A 131 5.11 22.83 -12.89
C SER A 131 4.12 21.72 -12.38
N ILE A 132 4.68 20.78 -11.60
CA ILE A 132 3.99 19.61 -11.06
C ILE A 132 4.45 19.31 -9.62
N TYR A 133 3.55 18.79 -8.76
CA TYR A 133 3.92 18.36 -7.40
C TYR A 133 4.69 17.05 -7.58
N VAL A 134 5.82 16.93 -6.88
CA VAL A 134 6.67 15.75 -6.96
C VAL A 134 6.81 15.14 -5.60
N VAL A 135 6.45 13.86 -5.49
CA VAL A 135 6.55 13.13 -4.22
C VAL A 135 7.67 12.11 -4.43
N ALA A 136 8.72 12.17 -3.63
CA ALA A 136 9.80 11.19 -3.77
C ALA A 136 10.25 10.73 -2.40
N ASN A 137 10.95 9.58 -2.34
CA ASN A 137 11.51 9.02 -1.13
C ASN A 137 13.03 9.00 -1.18
N ILE A 138 13.66 9.74 -0.23
CA ILE A 138 15.12 9.86 -0.07
C ILE A 138 15.53 9.65 1.40
N GLY A 139 16.77 9.96 1.74
CA GLY A 139 17.28 9.78 3.09
C GLY A 139 17.72 11.02 3.83
N ASP A 140 17.25 11.15 5.06
CA ASP A 140 17.54 12.29 5.92
C ASP A 140 18.55 11.95 7.00
N LYS A 141 19.42 12.90 7.25
CA LYS A 141 20.51 12.83 8.22
C LYS A 141 20.25 13.95 9.20
N LYS A 142 20.27 13.67 10.51
CA LYS A 142 20.08 14.68 11.56
C LYS A 142 21.18 14.46 12.60
N PRO A 143 22.30 15.24 12.49
CA PRO A 143 23.40 15.09 13.46
C PRO A 143 22.96 15.44 14.87
N CYS A 144 23.38 14.63 15.83
CA CYS A 144 23.03 14.83 17.22
C CYS A 144 24.25 14.67 18.13
N ASP A 145 24.16 15.23 19.34
CA ASP A 145 25.24 15.15 20.31
C ASP A 145 24.96 14.13 21.41
N THR A 146 26.03 13.61 22.04
CA THR A 146 26.01 12.66 23.16
C THR A 146 25.14 13.19 24.33
N SER A 147 24.78 14.50 24.32
CA SER A 147 23.94 15.19 25.30
C SER A 147 22.54 14.59 25.40
N ASP A 148 21.75 14.57 24.28
CA ASP A 148 20.41 13.97 24.30
C ASP A 148 20.53 12.44 24.40
N PRO A 149 19.86 11.81 25.38
CA PRO A 149 20.02 10.36 25.57
C PRO A 149 19.58 9.50 24.39
N GLN A 150 18.56 9.97 23.63
CA GLN A 150 18.00 9.26 22.48
C GLN A 150 18.89 9.28 21.23
N CYS A 151 20.04 9.99 21.28
CA CYS A 151 20.97 10.11 20.15
C CYS A 151 21.81 8.84 19.97
N PRO A 152 21.86 8.24 18.76
CA PRO A 152 22.64 7.00 18.58
C PRO A 152 24.14 7.20 18.76
N PRO A 153 24.91 6.16 19.22
CA PRO A 153 26.38 6.32 19.37
C PRO A 153 27.09 6.72 18.09
N ASP A 154 26.39 6.61 16.95
CA ASP A 154 26.84 6.95 15.60
C ASP A 154 27.07 8.47 15.44
N GLY A 155 26.36 9.27 16.23
CA GLY A 155 26.41 10.73 16.20
C GLY A 155 25.35 11.39 15.33
N ARG A 156 24.39 10.58 14.81
CA ARG A 156 23.32 11.09 13.94
C ARG A 156 22.07 10.19 13.89
N TYR A 157 20.94 10.76 13.46
CA TYR A 157 19.70 10.04 13.18
C TYR A 157 19.66 9.90 11.69
N GLN A 158 19.16 8.76 11.18
CA GLN A 158 19.05 8.52 9.75
C GLN A 158 17.61 8.10 9.56
N TYR A 159 16.91 8.71 8.60
CA TYR A 159 15.51 8.45 8.41
C TYR A 159 15.18 8.17 6.99
N ASN A 160 14.17 7.32 6.78
CA ASN A 160 13.62 6.97 5.46
C ASN A 160 12.55 8.06 5.32
N THR A 161 12.80 8.99 4.38
CA THR A 161 12.05 10.22 4.27
C THR A 161 11.40 10.48 2.94
N ASP A 162 10.10 10.77 3.01
CA ASP A 162 9.36 11.22 1.85
C ASP A 162 9.48 12.73 1.81
N VAL A 163 9.70 13.31 0.63
CA VAL A 163 9.73 14.77 0.47
C VAL A 163 8.69 15.12 -0.59
N VAL A 164 8.05 16.28 -0.43
CA VAL A 164 7.04 16.73 -1.39
C VAL A 164 7.46 18.12 -1.80
N PHE A 165 7.52 18.36 -3.10
CA PHE A 165 7.83 19.66 -3.70
C PHE A 165 6.59 20.10 -4.42
N ASP A 166 6.19 21.36 -4.22
CA ASP A 166 5.00 21.82 -4.92
C ASP A 166 5.37 22.22 -6.36
N SER A 167 4.38 22.60 -7.19
CA SER A 167 4.56 23.04 -8.59
C SER A 167 5.52 24.25 -8.78
N GLN A 168 5.91 24.91 -7.69
CA GLN A 168 6.86 26.01 -7.75
C GLN A 168 8.24 25.58 -7.25
N GLY A 169 8.41 24.31 -6.91
CA GLY A 169 9.69 23.80 -6.42
C GLY A 169 9.89 23.93 -4.93
N LYS A 170 8.84 24.32 -4.21
CA LYS A 170 8.99 24.52 -2.77
C LYS A 170 8.82 23.24 -1.95
N LEU A 171 9.71 22.99 -0.97
CA LEU A 171 9.57 21.86 -0.01
C LEU A 171 8.30 22.11 0.83
N VAL A 172 7.27 21.28 0.67
CA VAL A 172 6.01 21.50 1.42
C VAL A 172 5.71 20.37 2.42
N ALA A 173 6.52 19.28 2.41
CA ALA A 173 6.33 18.17 3.34
C ALA A 173 7.55 17.32 3.43
N ARG A 174 7.83 16.81 4.63
CA ARG A 174 8.94 15.93 4.96
C ARG A 174 8.34 14.90 5.92
N TYR A 175 8.40 13.61 5.56
CA TYR A 175 7.84 12.54 6.40
C TYR A 175 8.85 11.43 6.66
N HIS A 176 9.20 11.23 7.92
CA HIS A 176 10.11 10.16 8.37
C HIS A 176 9.24 8.95 8.70
N LYS A 177 9.48 7.84 8.00
CA LYS A 177 8.74 6.57 8.14
C LYS A 177 8.73 6.09 9.60
N GLN A 178 7.53 5.90 10.13
CA GLN A 178 7.33 5.46 11.50
C GLN A 178 7.53 3.96 11.65
N ASN A 179 6.90 3.18 10.78
CA ASN A 179 6.88 1.73 10.90
C ASN A 179 7.92 1.08 10.05
N LEU A 180 9.09 0.87 10.64
CA LEU A 180 10.17 0.21 9.92
C LEU A 180 9.92 -1.30 9.79
N PHE A 181 10.36 -1.88 8.67
CA PHE A 181 10.26 -3.30 8.44
C PHE A 181 11.46 -4.03 9.04
N MET A 182 11.35 -5.36 9.11
CA MET A 182 12.36 -6.32 9.53
C MET A 182 13.65 -6.07 8.72
N GLY A 183 14.76 -5.90 9.44
CA GLY A 183 16.06 -5.67 8.82
C GLY A 183 16.30 -4.32 8.20
N GLU A 184 15.51 -3.29 8.58
CA GLU A 184 15.71 -1.90 8.10
C GLU A 184 16.50 -1.19 9.21
N ASN A 185 17.68 -1.76 9.50
CA ASN A 185 18.63 -1.39 10.55
C ASN A 185 19.41 -0.12 10.25
N GLN A 186 19.38 0.34 8.99
CA GLN A 186 20.08 1.56 8.58
C GLN A 186 19.33 2.83 9.00
N PHE A 187 18.07 2.70 9.47
CA PHE A 187 17.23 3.84 9.81
C PHE A 187 16.81 3.88 11.27
N ASN A 188 16.35 5.06 11.68
CA ASN A 188 15.80 5.37 12.98
C ASN A 188 14.33 5.63 12.86
N VAL A 189 13.62 5.54 13.99
CA VAL A 189 12.19 5.77 14.15
C VAL A 189 12.07 7.10 14.89
N PRO A 190 11.22 8.06 14.44
CA PRO A 190 11.03 9.30 15.24
C PRO A 190 10.33 8.97 16.58
N LYS A 191 10.56 9.74 17.66
CA LYS A 191 9.92 9.48 18.97
C LYS A 191 8.39 9.53 18.83
N GLU A 192 7.87 10.58 18.20
CA GLU A 192 6.44 10.75 17.98
C GLU A 192 6.13 10.57 16.50
N PRO A 193 4.99 9.89 16.18
CA PRO A 193 4.63 9.72 14.77
C PRO A 193 4.42 11.08 14.13
N GLU A 194 4.92 11.25 12.90
CA GLU A 194 4.79 12.51 12.19
C GLU A 194 3.54 12.40 11.34
N ILE A 195 2.58 13.27 11.63
CA ILE A 195 1.32 13.36 10.92
C ILE A 195 1.49 14.49 9.94
N VAL A 196 1.94 14.12 8.76
CA VAL A 196 2.33 15.05 7.70
C VAL A 196 1.24 15.21 6.66
N THR A 197 0.82 16.47 6.44
CA THR A 197 -0.19 16.84 5.43
C THR A 197 0.31 18.03 4.62
N PHE A 198 -0.23 18.21 3.43
CA PHE A 198 0.06 19.39 2.62
C PHE A 198 -1.21 19.74 1.93
N ASN A 199 -1.56 21.02 1.88
CA ASN A 199 -2.83 21.41 1.27
C ASN A 199 -2.59 22.00 -0.13
N THR A 200 -3.53 21.79 -1.06
CA THR A 200 -3.35 22.26 -2.45
C THR A 200 -4.68 22.79 -2.95
N THR A 201 -4.71 23.28 -4.22
CA THR A 201 -5.95 23.75 -4.84
C THR A 201 -6.79 22.54 -5.32
N PHE A 202 -6.22 21.32 -5.23
CA PHE A 202 -6.89 20.08 -5.66
C PHE A 202 -7.03 19.05 -4.49
N GLY A 203 -7.31 19.58 -3.30
CA GLY A 203 -7.55 18.76 -2.12
C GLY A 203 -6.45 18.80 -1.06
N SER A 204 -6.78 18.26 0.11
CA SER A 204 -5.90 18.12 1.26
C SER A 204 -5.20 16.74 1.09
N PHE A 205 -3.88 16.67 1.23
CA PHE A 205 -3.13 15.43 1.02
C PHE A 205 -2.42 14.96 2.29
N GLY A 206 -2.43 13.66 2.50
CA GLY A 206 -1.72 13.02 3.59
C GLY A 206 -0.62 12.16 3.02
N ILE A 207 0.39 11.85 3.82
CA ILE A 207 1.46 11.00 3.30
C ILE A 207 1.94 9.96 4.32
N PHE A 208 2.28 8.77 3.82
CA PHE A 208 2.88 7.72 4.62
C PHE A 208 3.57 6.76 3.70
N THR A 209 4.30 5.75 4.24
CA THR A 209 5.15 4.91 3.39
C THR A 209 5.08 3.44 3.68
N CYS A 210 4.94 2.64 2.61
CA CYS A 210 5.05 1.17 2.68
C CYS A 210 4.31 0.52 3.83
N PHE A 211 5.03 -0.11 4.78
CA PHE A 211 4.54 -0.85 5.96
C PHE A 211 3.61 -0.04 6.87
N ASP A 212 3.68 1.31 6.77
CA ASP A 212 2.81 2.24 7.52
C ASP A 212 1.37 1.88 7.25
N ILE A 213 1.05 1.45 5.99
CA ILE A 213 -0.33 1.07 5.62
C ILE A 213 -0.91 -0.05 6.54
N LEU A 214 -0.07 -0.81 7.26
CA LEU A 214 -0.58 -1.87 8.18
C LEU A 214 -0.75 -1.42 9.63
N PHE A 215 -0.44 -0.13 9.93
CA PHE A 215 -0.53 0.40 11.28
C PHE A 215 -1.44 1.62 11.34
N HIS A 216 -1.73 2.04 12.57
CA HIS A 216 -2.67 3.10 12.89
C HIS A 216 -2.07 4.50 12.75
N ASP A 217 -0.80 4.64 13.14
CA ASP A 217 -0.03 5.87 13.23
C ASP A 217 1.09 5.91 12.20
N PRO A 218 1.07 6.89 11.25
CA PRO A 218 0.07 8.00 11.11
C PRO A 218 -1.13 7.73 10.22
N ALA A 219 -1.15 6.57 9.53
CA ALA A 219 -2.07 6.24 8.46
C ALA A 219 -3.57 6.52 8.72
N VAL A 220 -4.09 5.95 9.83
CA VAL A 220 -5.51 6.06 10.23
C VAL A 220 -5.79 7.48 10.71
N THR A 221 -4.87 8.04 11.49
CA THR A 221 -4.96 9.39 12.03
C THR A 221 -5.09 10.44 10.91
N LEU A 222 -4.31 10.32 9.83
CA LEU A 222 -4.43 11.27 8.73
C LEU A 222 -5.84 11.28 8.17
N VAL A 223 -6.38 10.09 8.00
CA VAL A 223 -7.71 9.96 7.45
C VAL A 223 -8.82 10.35 8.46
N LYS A 224 -8.86 9.71 9.64
CA LYS A 224 -9.95 9.94 10.58
C LYS A 224 -9.85 11.26 11.36
N ASP A 225 -8.66 11.73 11.68
CA ASP A 225 -8.56 12.96 12.46
C ASP A 225 -8.25 14.18 11.67
N PHE A 226 -7.36 14.06 10.66
CA PHE A 226 -6.93 15.19 9.84
C PHE A 226 -7.79 15.33 8.58
N HIS A 227 -8.73 14.40 8.34
CA HIS A 227 -9.71 14.45 7.23
C HIS A 227 -9.12 14.72 5.83
N VAL A 228 -7.95 14.13 5.53
CA VAL A 228 -7.33 14.33 4.21
C VAL A 228 -8.22 13.74 3.12
N ASP A 229 -8.14 14.29 1.89
CA ASP A 229 -8.92 13.79 0.78
C ASP A 229 -8.17 12.66 0.08
N THR A 230 -6.82 12.77 0.04
CA THR A 230 -5.93 11.88 -0.72
C THR A 230 -4.66 11.55 0.02
N ILE A 231 -4.20 10.29 -0.16
CA ILE A 231 -2.94 9.80 0.36
C ILE A 231 -2.00 9.60 -0.83
N VAL A 232 -0.77 10.05 -0.68
CA VAL A 232 0.35 9.79 -1.56
C VAL A 232 1.22 8.72 -0.85
N PHE A 233 1.49 7.63 -1.58
CA PHE A 233 2.12 6.48 -0.97
C PHE A 233 3.34 5.88 -1.71
N PRO A 234 4.55 6.38 -1.41
CA PRO A 234 5.75 5.72 -1.99
C PRO A 234 5.86 4.33 -1.29
N THR A 235 6.04 3.25 -2.06
CA THR A 235 6.13 1.91 -1.51
C THR A 235 7.19 1.06 -2.23
N ALA A 236 7.73 0.03 -1.55
CA ALA A 236 8.68 -0.94 -2.11
C ALA A 236 8.15 -2.27 -1.63
N TRP A 237 6.93 -2.59 -2.05
CA TRP A 237 6.13 -3.69 -1.54
C TRP A 237 6.42 -5.10 -2.11
N MET A 238 6.62 -6.06 -1.19
CA MET A 238 6.80 -7.47 -1.55
C MET A 238 5.45 -8.14 -1.45
N ASN A 239 4.92 -8.57 -2.61
CA ASN A 239 3.62 -9.19 -2.73
C ASN A 239 3.51 -10.54 -2.02
N VAL A 240 2.44 -10.71 -1.25
CA VAL A 240 2.16 -11.96 -0.54
C VAL A 240 0.69 -12.28 -0.76
N LEU A 241 0.40 -13.22 -1.68
CA LEU A 241 -0.96 -13.68 -1.98
C LEU A 241 -1.42 -14.57 -0.84
N PRO A 242 -2.74 -14.67 -0.53
CA PRO A 242 -3.90 -14.17 -1.28
C PRO A 242 -4.40 -12.78 -0.91
N HIS A 243 -3.89 -12.17 0.16
CA HIS A 243 -4.41 -10.88 0.65
C HIS A 243 -3.48 -9.69 0.57
N LEU A 244 -2.18 -9.94 0.45
CA LEU A 244 -1.29 -8.82 0.55
C LEU A 244 -0.51 -8.54 -0.71
N SER A 245 -1.22 -8.62 -1.84
CA SER A 245 -0.61 -8.20 -3.11
C SER A 245 -0.84 -6.67 -3.10
N ALA A 246 0.16 -5.91 -3.52
CA ALA A 246 0.13 -4.45 -3.51
C ALA A 246 -1.16 -3.86 -4.09
N VAL A 247 -1.46 -4.12 -5.39
CA VAL A 247 -2.65 -3.52 -6.02
C VAL A 247 -3.94 -3.81 -5.24
N GLU A 248 -4.02 -5.02 -4.74
CA GLU A 248 -5.15 -5.56 -4.02
C GLU A 248 -5.38 -4.89 -2.66
N PHE A 249 -4.34 -4.89 -1.81
CA PHE A 249 -4.45 -4.37 -0.47
C PHE A 249 -4.51 -2.83 -0.41
N HIS A 250 -3.72 -2.16 -1.26
CA HIS A 250 -3.65 -0.69 -1.31
C HIS A 250 -4.97 -0.08 -1.82
N SER A 251 -5.63 -0.77 -2.78
CA SER A 251 -6.95 -0.32 -3.29
C SER A 251 -8.02 -0.64 -2.27
N ALA A 252 -7.84 -1.76 -1.51
CA ALA A 252 -8.78 -2.13 -0.43
C ALA A 252 -8.71 -1.12 0.69
N TRP A 253 -7.46 -0.68 1.06
CA TRP A 253 -7.29 0.30 2.14
C TRP A 253 -7.94 1.63 1.70
N ALA A 254 -7.73 2.08 0.44
CA ALA A 254 -8.37 3.32 -0.05
C ALA A 254 -9.92 3.24 0.01
N MET A 255 -10.48 2.08 -0.30
CA MET A 255 -11.94 1.87 -0.27
C MET A 255 -12.46 1.81 1.18
N GLY A 256 -11.76 1.06 2.03
CA GLY A 256 -12.11 0.93 3.44
C GLY A 256 -11.97 2.24 4.21
N MET A 257 -10.99 3.09 3.82
CA MET A 257 -10.76 4.39 4.47
C MET A 257 -11.47 5.55 3.76
N ARG A 258 -12.11 5.30 2.58
CA ARG A 258 -12.92 6.31 1.83
C ARG A 258 -12.08 7.48 1.39
N VAL A 259 -10.94 7.19 0.80
CA VAL A 259 -10.02 8.22 0.41
C VAL A 259 -9.38 7.92 -0.97
N ASN A 260 -8.93 8.95 -1.70
CA ASN A 260 -8.13 8.76 -2.91
C ASN A 260 -6.74 8.24 -2.46
N PHE A 261 -6.05 7.50 -3.31
CA PHE A 261 -4.79 6.90 -2.89
C PHE A 261 -3.89 6.71 -4.08
N LEU A 262 -2.69 7.28 -4.04
CA LEU A 262 -1.74 7.16 -5.15
C LEU A 262 -0.57 6.29 -4.73
N ALA A 263 -0.60 5.03 -5.18
CA ALA A 263 0.44 4.05 -4.81
C ALA A 263 1.51 3.93 -5.87
N SER A 264 2.75 4.32 -5.52
CA SER A 264 3.89 4.25 -6.42
C SER A 264 4.91 3.24 -5.88
N ASN A 265 5.06 2.13 -6.60
CA ASN A 265 5.86 0.99 -6.17
C ASN A 265 7.14 0.72 -6.98
N ILE A 266 8.11 0.05 -6.32
CA ILE A 266 9.32 -0.39 -6.97
C ILE A 266 8.96 -1.55 -7.90
N HIS A 267 9.62 -1.64 -9.09
CA HIS A 267 9.46 -2.75 -10.04
C HIS A 267 10.71 -3.66 -9.91
N TYR A 268 10.55 -4.80 -9.23
CA TYR A 268 11.61 -5.79 -9.04
C TYR A 268 10.94 -7.20 -8.91
N PRO A 269 10.49 -7.78 -10.06
CA PRO A 269 9.80 -9.10 -10.03
C PRO A 269 10.52 -10.21 -9.27
N SER A 270 11.86 -10.23 -9.29
CA SER A 270 12.68 -11.22 -8.58
C SER A 270 12.45 -11.21 -7.05
N LYS A 271 11.89 -10.12 -6.51
CA LYS A 271 11.57 -9.97 -5.08
C LYS A 271 10.06 -9.83 -4.91
N LYS A 272 9.29 -10.07 -5.98
CA LYS A 272 7.84 -9.97 -6.05
C LYS A 272 7.36 -8.53 -5.82
N MET A 273 8.09 -7.56 -6.39
CA MET A 273 7.79 -6.14 -6.25
C MET A 273 7.19 -5.65 -7.55
N THR A 274 5.88 -5.42 -7.53
CA THR A 274 5.11 -4.90 -8.65
C THR A 274 3.68 -4.65 -8.24
N GLY A 275 3.19 -3.47 -8.60
CA GLY A 275 1.81 -3.15 -8.29
C GLY A 275 1.61 -1.71 -7.88
N SER A 276 1.42 -0.82 -8.89
CA SER A 276 1.19 0.62 -8.70
C SER A 276 -0.22 0.92 -9.18
N GLY A 277 -0.80 1.99 -8.69
CA GLY A 277 -2.16 2.34 -9.07
C GLY A 277 -2.67 3.65 -8.53
N ILE A 278 -3.84 4.04 -8.99
CA ILE A 278 -4.52 5.27 -8.60
C ILE A 278 -5.89 4.82 -8.22
N TYR A 279 -6.20 4.99 -6.91
CA TYR A 279 -7.43 4.48 -6.35
C TYR A 279 -8.33 5.55 -5.76
N ALA A 280 -9.62 5.37 -5.96
CA ALA A 280 -10.66 6.29 -5.53
C ALA A 280 -11.45 5.60 -4.42
N PRO A 281 -12.25 6.30 -3.60
CA PRO A 281 -13.02 5.57 -2.57
C PRO A 281 -14.00 4.53 -3.14
N ASN A 282 -14.57 4.78 -4.33
CA ASN A 282 -15.54 3.91 -5.03
C ASN A 282 -14.92 2.65 -5.62
N SER A 283 -13.68 2.77 -6.19
CA SER A 283 -12.98 1.70 -6.88
C SER A 283 -11.61 2.16 -7.37
N SER A 284 -10.84 1.23 -7.92
CA SER A 284 -9.57 1.51 -8.57
C SER A 284 -9.87 2.36 -9.82
N ARG A 285 -8.95 3.22 -10.24
CA ARG A 285 -9.13 4.09 -11.40
C ARG A 285 -8.13 3.77 -12.51
N ALA A 286 -6.96 3.23 -12.12
CA ALA A 286 -5.88 2.77 -12.98
C ALA A 286 -4.97 1.92 -12.10
N PHE A 287 -4.46 0.80 -12.64
CA PHE A 287 -3.56 -0.07 -11.89
C PHE A 287 -2.56 -0.76 -12.83
N HIS A 288 -1.43 -1.23 -12.27
CA HIS A 288 -0.39 -1.88 -13.06
C HIS A 288 0.27 -3.01 -12.31
N TYR A 289 0.24 -4.21 -12.90
CA TYR A 289 0.90 -5.38 -12.34
C TYR A 289 1.69 -6.08 -13.50
N ASP A 290 2.98 -6.36 -13.28
CA ASP A 290 3.82 -6.99 -14.30
C ASP A 290 5.00 -7.72 -13.71
N MET A 291 4.95 -9.05 -13.80
CA MET A 291 6.00 -9.90 -13.29
C MET A 291 6.90 -10.39 -14.42
N LYS A 292 6.58 -10.01 -15.68
CA LYS A 292 7.31 -10.49 -16.86
C LYS A 292 8.45 -9.59 -17.34
N THR A 293 8.18 -8.29 -17.60
CA THR A 293 9.25 -7.40 -18.09
C THR A 293 10.07 -6.86 -16.95
N GLU A 294 11.14 -6.13 -17.28
CA GLU A 294 12.03 -5.48 -16.32
C GLU A 294 11.81 -3.95 -16.38
N GLU A 295 10.79 -3.52 -17.13
CA GLU A 295 10.49 -2.10 -17.36
C GLU A 295 9.59 -1.44 -16.30
N GLY A 296 9.77 -0.13 -16.15
CA GLY A 296 8.95 0.70 -15.29
C GLY A 296 7.66 1.03 -16.02
N LYS A 297 6.75 1.76 -15.38
CA LYS A 297 5.46 2.14 -16.00
C LYS A 297 4.92 3.42 -15.37
N LEU A 298 4.48 4.34 -16.21
CA LEU A 298 3.84 5.56 -15.77
C LEU A 298 2.35 5.40 -15.92
N LEU A 299 1.61 5.68 -14.84
CA LEU A 299 0.15 5.64 -14.84
C LEU A 299 -0.44 7.00 -14.59
N LEU A 300 -1.55 7.29 -15.25
CA LEU A 300 -2.25 8.57 -15.08
C LEU A 300 -3.71 8.33 -15.00
N SER A 301 -4.42 9.14 -14.20
CA SER A 301 -5.87 9.03 -14.06
C SER A 301 -6.45 10.24 -13.36
N GLN A 302 -7.68 10.58 -13.69
CA GLN A 302 -8.39 11.68 -13.09
C GLN A 302 -8.98 11.23 -11.77
N LEU A 303 -9.17 12.19 -10.84
CA LEU A 303 -9.75 11.93 -9.52
C LEU A 303 -10.53 13.14 -9.07
N ASP A 304 -11.46 12.96 -8.14
CA ASP A 304 -12.18 14.09 -7.55
C ASP A 304 -11.27 14.64 -6.48
N SER A 305 -11.09 15.96 -6.47
CA SER A 305 -10.27 16.73 -5.50
C SER A 305 -10.79 16.55 -4.07
N HIS A 306 -12.13 16.59 -3.90
CA HIS A 306 -12.81 16.43 -2.63
C HIS A 306 -13.84 15.34 -2.76
N PRO A 307 -13.44 14.05 -2.73
CA PRO A 307 -14.44 12.98 -2.86
C PRO A 307 -15.32 12.91 -1.60
N SER A 308 -16.45 12.22 -1.68
CA SER A 308 -17.24 12.05 -0.47
C SER A 308 -16.58 11.00 0.43
N HIS A 309 -16.50 11.29 1.74
CA HIS A 309 -15.92 10.44 2.78
C HIS A 309 -17.05 9.99 3.74
N SER A 310 -18.28 10.49 3.49
CA SER A 310 -19.49 10.31 4.29
C SER A 310 -20.13 8.90 4.29
N ALA A 311 -19.88 8.05 3.26
CA ALA A 311 -20.47 6.70 3.16
C ALA A 311 -19.92 5.69 4.21
N VAL A 312 -20.44 5.81 5.45
CA VAL A 312 -20.09 4.99 6.63
C VAL A 312 -20.67 3.55 6.55
N VAL A 313 -19.87 2.57 7.06
CA VAL A 313 -20.18 1.14 7.07
C VAL A 313 -20.02 0.62 8.50
N ASN A 314 -21.02 -0.14 8.99
CA ASN A 314 -20.89 -0.85 10.25
C ASN A 314 -20.51 -2.27 9.77
N TRP A 315 -19.26 -2.72 10.04
CA TRP A 315 -18.78 -4.02 9.52
C TRP A 315 -19.36 -5.29 10.19
N THR A 316 -20.05 -5.17 11.32
CA THR A 316 -20.61 -6.31 12.02
C THR A 316 -22.13 -6.38 12.01
N SER A 317 -22.79 -5.35 11.46
CA SER A 317 -24.25 -5.16 11.41
C SER A 317 -25.01 -6.38 10.90
N TYR A 318 -24.97 -6.65 9.58
CA TYR A 318 -25.64 -7.78 8.95
C TYR A 318 -25.24 -9.10 9.60
N ALA A 319 -23.95 -9.36 9.65
CA ALA A 319 -23.38 -10.60 10.16
C ALA A 319 -23.76 -10.95 11.62
N SER A 320 -23.94 -9.93 12.49
CA SER A 320 -24.34 -10.18 13.87
C SER A 320 -25.88 -10.32 14.03
N SER A 321 -26.65 -10.04 12.96
CA SER A 321 -28.11 -10.14 12.98
C SER A 321 -28.61 -11.52 12.52
N ILE A 322 -27.98 -12.07 11.47
CA ILE A 322 -28.30 -13.35 10.83
C ILE A 322 -27.86 -14.57 11.69
N GLU A 323 -28.40 -15.75 11.37
CA GLU A 323 -28.03 -17.02 12.02
C GLU A 323 -27.19 -17.85 11.01
N ALA A 324 -26.36 -18.79 11.51
CA ALA A 324 -25.48 -19.61 10.66
C ALA A 324 -26.19 -20.14 9.40
N LEU A 325 -25.61 -19.84 8.22
CA LEU A 325 -26.14 -20.21 6.90
C LEU A 325 -25.93 -21.67 6.55
N SER A 326 -24.98 -22.33 7.23
CA SER A 326 -24.62 -23.73 7.05
C SER A 326 -24.51 -24.41 8.41
N SER A 327 -24.82 -25.70 8.47
CA SER A 327 -24.79 -26.47 9.72
C SER A 327 -23.97 -27.74 9.56
N GLY A 328 -23.31 -28.12 10.66
CA GLY A 328 -22.48 -29.33 10.77
C GLY A 328 -21.69 -29.62 9.52
N ASN A 329 -20.74 -28.73 9.19
CA ASN A 329 -19.96 -28.93 7.98
C ASN A 329 -18.57 -29.43 8.25
N LYS A 330 -17.93 -29.97 7.22
CA LYS A 330 -16.57 -30.52 7.32
C LYS A 330 -15.59 -29.34 7.35
N GLU A 331 -15.04 -29.06 8.54
CA GLU A 331 -14.14 -27.94 8.70
C GLU A 331 -12.71 -28.40 8.87
N PHE A 332 -11.76 -27.65 8.30
CA PHE A 332 -10.32 -27.93 8.37
C PHE A 332 -9.47 -26.65 8.60
N LYS A 333 -8.27 -26.84 9.17
CA LYS A 333 -7.27 -25.80 9.41
C LYS A 333 -6.40 -25.63 8.14
N GLY A 334 -6.23 -24.37 7.72
CA GLY A 334 -5.41 -24.02 6.57
C GLY A 334 -4.52 -22.83 6.86
N THR A 335 -3.28 -22.86 6.34
CA THR A 335 -2.29 -21.80 6.57
C THR A 335 -2.36 -20.73 5.47
N VAL A 336 -2.51 -19.48 5.90
CA VAL A 336 -2.53 -18.30 5.03
C VAL A 336 -1.47 -17.37 5.61
N PHE A 337 -0.38 -17.14 4.86
CA PHE A 337 0.72 -16.26 5.31
C PHE A 337 1.10 -16.53 6.78
N PHE A 338 1.37 -17.81 7.12
CA PHE A 338 1.74 -18.31 8.44
C PHE A 338 0.63 -18.15 9.50
N ASP A 339 -0.61 -17.89 9.08
CA ASP A 339 -1.71 -17.76 10.02
C ASP A 339 -2.70 -18.91 9.79
N GLU A 340 -3.11 -19.57 10.89
CA GLU A 340 -4.02 -20.73 10.82
C GLU A 340 -5.49 -20.35 10.79
N PHE A 341 -6.05 -20.39 9.58
CA PHE A 341 -7.46 -20.13 9.29
C PHE A 341 -8.33 -21.39 9.43
N THR A 342 -9.55 -21.23 9.94
CA THR A 342 -10.57 -22.29 10.02
C THR A 342 -11.30 -22.12 8.70
N PHE A 343 -11.30 -23.18 7.89
CA PHE A 343 -11.91 -23.21 6.56
C PHE A 343 -13.11 -24.12 6.46
N VAL A 344 -13.87 -23.94 5.39
CA VAL A 344 -15.02 -24.74 5.00
C VAL A 344 -15.05 -24.77 3.47
N LYS A 345 -14.89 -25.97 2.90
CA LYS A 345 -14.88 -26.17 1.46
C LYS A 345 -16.23 -25.78 0.90
N LEU A 346 -16.24 -25.17 -0.28
CA LEU A 346 -17.47 -24.80 -0.95
C LEU A 346 -17.82 -25.99 -1.86
N THR A 347 -18.93 -26.66 -1.57
CA THR A 347 -19.39 -27.78 -2.41
C THR A 347 -20.67 -27.30 -3.10
N GLY A 348 -20.71 -27.46 -4.43
CA GLY A 348 -21.83 -27.01 -5.24
C GLY A 348 -21.56 -25.70 -5.96
N VAL A 349 -22.19 -25.52 -7.13
CA VAL A 349 -22.07 -24.33 -7.98
C VAL A 349 -22.73 -23.09 -7.29
N ALA A 350 -23.52 -23.32 -6.24
CA ALA A 350 -24.21 -22.32 -5.44
C ALA A 350 -24.30 -22.79 -4.00
N GLY A 351 -24.29 -21.85 -3.07
CA GLY A 351 -24.35 -22.19 -1.67
C GLY A 351 -24.38 -21.01 -0.72
N ASN A 352 -24.51 -21.35 0.55
CA ASN A 352 -24.58 -20.44 1.66
C ASN A 352 -23.80 -21.09 2.77
N TYR A 353 -22.69 -20.50 3.15
CA TYR A 353 -21.86 -21.05 4.21
C TYR A 353 -21.57 -20.00 5.25
N THR A 354 -21.30 -20.47 6.48
CA THR A 354 -20.91 -19.72 7.65
C THR A 354 -19.81 -20.55 8.28
N VAL A 355 -18.71 -19.90 8.67
CA VAL A 355 -17.57 -20.53 9.34
C VAL A 355 -17.09 -19.54 10.38
N CYS A 356 -16.70 -20.04 11.56
CA CYS A 356 -16.28 -19.20 12.66
C CYS A 356 -14.95 -19.64 13.18
N GLN A 357 -14.18 -18.67 13.67
CA GLN A 357 -12.93 -18.86 14.39
C GLN A 357 -12.95 -17.83 15.49
N LYS A 358 -12.99 -18.30 16.75
CA LYS A 358 -13.03 -17.47 17.97
C LYS A 358 -14.16 -16.43 17.89
N ASP A 359 -13.86 -15.12 18.11
CA ASP A 359 -14.88 -14.05 18.07
C ASP A 359 -15.36 -13.68 16.65
N LEU A 360 -14.85 -14.35 15.61
CA LEU A 360 -15.22 -14.00 14.25
C LEU A 360 -16.01 -15.06 13.53
N CYS A 361 -17.17 -14.67 13.02
CA CYS A 361 -18.04 -15.52 12.21
C CYS A 361 -18.18 -14.89 10.85
N CYS A 362 -17.82 -15.65 9.80
CA CYS A 362 -17.84 -15.26 8.39
C CYS A 362 -18.99 -15.92 7.68
N HIS A 363 -19.70 -15.14 6.83
CA HIS A 363 -20.85 -15.61 6.08
C HIS A 363 -20.63 -15.37 4.59
N LEU A 364 -20.94 -16.37 3.76
CA LEU A 364 -20.85 -16.25 2.30
C LEU A 364 -22.08 -16.81 1.64
N SER A 365 -22.54 -16.09 0.61
CA SER A 365 -23.63 -16.44 -0.27
C SER A 365 -22.98 -16.28 -1.65
N TYR A 366 -23.07 -17.32 -2.52
CA TYR A 366 -22.41 -17.31 -3.84
C TYR A 366 -23.16 -18.13 -4.89
N LYS A 367 -22.79 -17.90 -6.14
CA LYS A 367 -23.24 -18.62 -7.32
C LYS A 367 -22.17 -18.39 -8.39
N MET A 368 -21.48 -19.47 -8.77
CA MET A 368 -20.42 -19.49 -9.79
C MET A 368 -21.07 -19.39 -11.19
N SER A 369 -20.31 -18.96 -12.21
CA SER A 369 -20.84 -18.82 -13.58
C SER A 369 -21.04 -20.18 -14.24
N GLU A 370 -20.32 -21.19 -13.72
CA GLU A 370 -20.29 -22.62 -14.06
C GLU A 370 -19.30 -23.29 -13.09
N ASN A 371 -19.50 -24.58 -12.78
CA ASN A 371 -18.55 -25.27 -11.90
C ASN A 371 -17.41 -25.80 -12.78
N ILE A 372 -16.22 -25.26 -12.57
CA ILE A 372 -15.04 -25.65 -13.34
C ILE A 372 -14.41 -26.88 -12.69
N PRO A 373 -14.09 -27.91 -13.49
CA PRO A 373 -13.48 -29.12 -12.91
C PRO A 373 -12.07 -28.85 -12.36
N ASN A 374 -11.72 -29.54 -11.26
CA ASN A 374 -10.43 -29.48 -10.58
C ASN A 374 -10.05 -28.10 -10.04
N GLU A 375 -11.04 -27.40 -9.48
CA GLU A 375 -10.83 -26.07 -8.92
C GLU A 375 -11.67 -25.96 -7.68
N VAL A 376 -10.97 -25.90 -6.54
CA VAL A 376 -11.59 -25.86 -5.20
C VAL A 376 -11.50 -24.44 -4.57
N TYR A 377 -12.64 -24.00 -4.02
CA TYR A 377 -12.83 -22.73 -3.29
C TYR A 377 -13.22 -23.03 -1.86
N ALA A 378 -12.75 -22.20 -0.92
CA ALA A 378 -13.03 -22.36 0.49
C ALA A 378 -13.36 -21.02 1.16
N LEU A 379 -14.12 -21.05 2.28
CA LEU A 379 -14.47 -19.88 3.08
C LEU A 379 -13.68 -20.01 4.38
N GLY A 380 -12.84 -19.01 4.67
CA GLY A 380 -11.98 -19.00 5.85
C GLY A 380 -12.23 -17.87 6.81
N ALA A 381 -12.05 -18.16 8.10
CA ALA A 381 -12.17 -17.26 9.22
C ALA A 381 -10.83 -17.24 9.96
N PHE A 382 -10.38 -16.03 10.37
CA PHE A 382 -9.16 -15.88 11.16
C PHE A 382 -9.31 -14.77 12.16
N ASP A 383 -9.05 -15.05 13.43
CA ASP A 383 -9.12 -14.06 14.48
C ASP A 383 -7.91 -14.22 15.32
N GLY A 384 -6.85 -13.47 15.01
CA GLY A 384 -5.62 -13.58 15.77
C GLY A 384 -4.50 -12.64 15.37
N LEU A 385 -3.40 -12.77 16.10
CA LEU A 385 -2.21 -11.99 15.96
C LEU A 385 -1.25 -12.57 14.94
N HIS A 386 -0.83 -11.74 13.94
CA HIS A 386 0.19 -12.13 12.97
C HIS A 386 1.54 -11.89 13.64
N THR A 387 2.53 -12.77 13.42
CA THR A 387 3.83 -12.58 14.09
C THR A 387 5.02 -12.71 13.16
N VAL A 388 4.87 -13.42 12.04
CA VAL A 388 5.98 -13.60 11.09
C VAL A 388 6.29 -12.31 10.31
N GLU A 389 7.49 -11.73 10.57
CA GLU A 389 8.02 -10.52 9.94
C GLU A 389 7.10 -9.31 10.18
N GLY A 390 6.65 -9.16 11.43
CA GLY A 390 5.78 -8.07 11.84
C GLY A 390 4.63 -8.52 12.71
N ARG A 391 4.36 -7.78 13.81
CA ARG A 391 3.27 -8.07 14.76
C ARG A 391 2.10 -7.14 14.59
N TYR A 392 0.95 -7.71 14.21
CA TYR A 392 -0.29 -6.95 14.07
C TYR A 392 -1.48 -7.89 14.22
N TYR A 393 -2.58 -7.41 14.85
CA TYR A 393 -3.80 -8.19 15.06
C TYR A 393 -4.78 -8.11 13.91
N LEU A 394 -5.20 -9.30 13.44
CA LEU A 394 -6.06 -9.52 12.29
C LEU A 394 -7.35 -10.23 12.60
N GLN A 395 -8.39 -9.85 11.88
CA GLN A 395 -9.69 -10.51 11.81
C GLN A 395 -9.96 -10.57 10.32
N ILE A 396 -9.99 -11.79 9.74
CA ILE A 396 -10.17 -11.92 8.29
C ILE A 396 -11.26 -12.95 7.92
N CYS A 397 -12.15 -12.57 6.97
CA CYS A 397 -13.16 -13.43 6.32
C CYS A 397 -12.75 -13.54 4.85
N THR A 398 -12.42 -14.74 4.38
CA THR A 398 -11.96 -14.85 3.00
C THR A 398 -12.63 -15.95 2.17
N LEU A 399 -13.07 -15.61 0.96
CA LEU A 399 -13.51 -16.57 -0.05
C LEU A 399 -12.24 -16.69 -0.91
N LEU A 400 -11.55 -17.86 -0.87
CA LEU A 400 -10.34 -17.98 -1.68
C LEU A 400 -10.31 -19.23 -2.57
N LYS A 401 -9.57 -19.13 -3.68
CA LYS A 401 -9.29 -20.21 -4.61
C LYS A 401 -8.11 -20.98 -4.00
N CYS A 402 -8.33 -22.27 -3.63
CA CYS A 402 -7.26 -23.13 -3.09
C CYS A 402 -6.30 -23.39 -4.23
N LYS A 403 -4.98 -23.33 -3.98
CA LYS A 403 -3.93 -23.47 -5.02
C LYS A 403 -4.15 -24.71 -5.89
N THR A 404 -4.46 -25.87 -5.27
CA THR A 404 -4.79 -27.12 -5.98
C THR A 404 -6.12 -27.67 -5.41
N THR A 405 -6.51 -28.91 -5.82
CA THR A 405 -7.72 -29.60 -5.32
C THR A 405 -7.50 -30.12 -3.89
N ASN A 406 -6.23 -30.31 -3.49
CA ASN A 406 -5.86 -30.79 -2.15
C ASN A 406 -6.09 -29.70 -1.10
N LEU A 407 -7.06 -29.92 -0.20
CA LEU A 407 -7.46 -28.98 0.86
C LEU A 407 -6.32 -28.41 1.70
N ASN A 408 -5.19 -29.12 1.85
CA ASN A 408 -4.04 -28.59 2.60
C ASN A 408 -3.31 -27.47 1.84
N THR A 409 -3.78 -27.13 0.62
CA THR A 409 -3.21 -26.06 -0.21
C THR A 409 -4.09 -24.80 -0.17
N CYS A 410 -5.23 -24.82 0.57
CA CYS A 410 -6.10 -23.63 0.72
C CYS A 410 -5.37 -22.61 1.60
N GLY A 411 -5.18 -21.41 1.05
CA GLY A 411 -4.45 -20.34 1.72
C GLY A 411 -3.05 -20.14 1.16
N ASP A 412 -2.63 -21.06 0.28
CA ASP A 412 -1.34 -20.92 -0.39
C ASP A 412 -1.50 -19.93 -1.56
N SER A 413 -0.41 -19.26 -1.90
CA SER A 413 -0.34 -18.29 -2.99
C SER A 413 -0.78 -18.90 -4.34
N ALA A 414 -1.94 -18.46 -4.84
CA ALA A 414 -2.50 -18.92 -6.12
C ALA A 414 -2.65 -17.71 -7.02
N GLU A 415 -2.00 -17.74 -8.20
CA GLU A 415 -1.96 -16.64 -9.19
C GLU A 415 -3.00 -16.71 -10.31
N THR A 416 -3.52 -17.91 -10.63
CA THR A 416 -4.54 -18.10 -11.68
C THR A 416 -5.73 -18.85 -11.15
N ALA A 417 -6.87 -18.73 -11.84
CA ALA A 417 -8.15 -19.39 -11.55
C ALA A 417 -8.98 -19.37 -12.85
N SER A 418 -10.06 -20.16 -12.93
CA SER A 418 -10.90 -20.23 -14.13
C SER A 418 -12.37 -19.97 -13.79
N THR A 419 -12.73 -20.10 -12.50
CA THR A 419 -14.10 -19.90 -12.01
C THR A 419 -14.53 -18.42 -11.90
N ARG A 420 -15.44 -18.02 -12.76
CA ARG A 420 -16.06 -16.71 -12.67
C ARG A 420 -17.23 -16.87 -11.68
N PHE A 421 -17.75 -15.77 -11.15
CA PHE A 421 -18.88 -15.84 -10.22
C PHE A 421 -19.96 -14.92 -10.72
N GLU A 422 -21.21 -15.40 -10.72
CA GLU A 422 -22.32 -14.56 -11.16
C GLU A 422 -22.70 -13.67 -9.99
N MET A 423 -22.54 -14.19 -8.74
CA MET A 423 -22.88 -13.48 -7.49
C MET A 423 -22.03 -13.95 -6.28
N PHE A 424 -21.79 -13.00 -5.33
CA PHE A 424 -21.16 -13.23 -4.03
C PHE A 424 -21.63 -12.18 -3.03
N SER A 425 -21.62 -12.54 -1.75
CA SER A 425 -21.98 -11.66 -0.65
C SER A 425 -21.22 -12.19 0.54
N LEU A 426 -20.20 -11.45 0.93
CA LEU A 426 -19.36 -11.80 2.07
C LEU A 426 -19.58 -10.82 3.21
N SER A 427 -19.52 -11.30 4.48
CA SER A 427 -19.68 -10.49 5.69
C SER A 427 -19.07 -11.21 6.87
N GLY A 428 -18.90 -10.50 7.97
CA GLY A 428 -18.30 -11.06 9.17
C GLY A 428 -18.62 -10.29 10.42
N THR A 429 -18.51 -10.93 11.58
CA THR A 429 -18.77 -10.30 12.86
C THR A 429 -17.51 -9.59 13.38
N PHE A 430 -17.02 -8.64 12.59
CA PHE A 430 -15.81 -7.88 12.89
C PHE A 430 -15.94 -7.08 14.16
N GLY A 431 -14.93 -7.18 15.03
CA GLY A 431 -14.80 -6.43 16.27
C GLY A 431 -13.93 -5.21 16.04
N THR A 432 -14.09 -4.57 14.86
CA THR A 432 -13.32 -3.40 14.43
C THR A 432 -14.09 -2.57 13.37
N GLN A 433 -13.79 -1.28 13.28
CA GLN A 433 -14.36 -0.41 12.24
C GLN A 433 -13.34 -0.29 11.08
N TYR A 434 -12.15 -0.91 11.21
CA TYR A 434 -11.12 -0.86 10.15
C TYR A 434 -11.06 -2.18 9.38
N VAL A 435 -11.89 -2.28 8.34
CA VAL A 435 -12.03 -3.45 7.45
C VAL A 435 -11.83 -2.97 6.02
N PHE A 436 -10.90 -3.62 5.33
CA PHE A 436 -10.52 -3.31 3.95
C PHE A 436 -11.05 -4.37 2.94
N PRO A 437 -11.98 -3.96 2.06
CA PRO A 437 -12.57 -4.93 1.12
C PRO A 437 -11.68 -5.21 -0.11
N GLU A 438 -11.26 -6.46 -0.25
CA GLU A 438 -10.40 -6.91 -1.34
C GLU A 438 -11.15 -7.82 -2.31
N VAL A 439 -10.99 -7.54 -3.59
CA VAL A 439 -11.48 -8.34 -4.70
C VAL A 439 -10.29 -8.45 -5.65
N LEU A 440 -9.78 -9.68 -5.83
CA LEU A 440 -8.64 -9.97 -6.72
C LEU A 440 -9.00 -11.06 -7.73
N LEU A 441 -8.79 -10.75 -9.00
CA LEU A 441 -9.07 -11.64 -10.11
C LEU A 441 -7.80 -12.27 -10.64
N SER A 442 -7.97 -13.32 -11.44
CA SER A 442 -6.87 -13.96 -12.17
C SER A 442 -6.50 -12.93 -13.25
N GLU A 443 -5.22 -12.60 -13.44
CA GLU A 443 -4.04 -13.00 -12.70
C GLU A 443 -3.59 -11.71 -12.05
N ASN A 444 -3.94 -11.58 -10.75
CA ASN A 444 -3.62 -10.41 -9.96
C ASN A 444 -4.23 -9.10 -10.57
N GLN A 445 -5.43 -9.21 -11.16
CA GLN A 445 -6.16 -8.09 -11.77
C GLN A 445 -7.25 -7.58 -10.81
N LEU A 446 -7.40 -6.25 -10.71
CA LEU A 446 -8.45 -5.67 -9.86
C LEU A 446 -9.78 -5.73 -10.60
N ALA A 447 -10.90 -5.64 -9.86
CA ALA A 447 -12.23 -5.66 -10.45
C ALA A 447 -13.02 -4.32 -10.26
N PRO A 448 -12.67 -3.22 -10.94
CA PRO A 448 -13.47 -2.00 -10.80
C PRO A 448 -14.70 -1.97 -11.72
N GLY A 449 -15.86 -1.49 -11.29
CA GLY A 449 -16.46 -1.36 -9.98
C GLY A 449 -17.50 -2.46 -10.11
N GLU A 450 -17.04 -3.69 -9.95
CA GLU A 450 -17.87 -4.87 -10.12
C GLU A 450 -18.49 -5.28 -8.80
N PHE A 451 -18.09 -4.59 -7.73
CA PHE A 451 -18.48 -4.86 -6.37
C PHE A 451 -18.69 -3.56 -5.60
N GLN A 452 -19.37 -3.65 -4.47
CA GLN A 452 -19.68 -2.53 -3.61
C GLN A 452 -19.74 -3.05 -2.18
N VAL A 453 -19.69 -2.14 -1.20
CA VAL A 453 -19.85 -2.48 0.21
C VAL A 453 -21.14 -1.80 0.70
N SER A 454 -21.99 -2.54 1.45
CA SER A 454 -23.25 -2.01 1.97
C SER A 454 -23.04 -1.39 3.37
N THR A 455 -23.96 -0.50 3.80
CA THR A 455 -23.89 0.13 5.13
C THR A 455 -23.86 -0.90 6.28
N ASP A 456 -24.29 -2.14 5.98
CA ASP A 456 -24.42 -3.37 6.79
C ASP A 456 -23.10 -4.14 6.92
N GLY A 457 -22.10 -3.78 6.11
CA GLY A 457 -20.80 -4.47 6.13
C GLY A 457 -20.71 -5.69 5.25
N ARG A 458 -21.48 -5.72 4.16
CA ARG A 458 -21.46 -6.79 3.18
C ARG A 458 -20.65 -6.38 1.94
N LEU A 459 -19.66 -7.20 1.54
CA LEU A 459 -18.88 -7.00 0.32
C LEU A 459 -19.58 -7.90 -0.70
N PHE A 460 -20.21 -7.28 -1.71
CA PHE A 460 -21.05 -7.97 -2.67
C PHE A 460 -20.85 -7.51 -4.09
N SER A 461 -21.07 -8.42 -5.05
CA SER A 461 -20.97 -8.17 -6.50
C SER A 461 -22.17 -7.36 -7.05
N LEU A 462 -21.94 -6.59 -8.12
CA LEU A 462 -22.94 -5.74 -8.79
C LEU A 462 -23.30 -6.29 -10.17
N LYS A 463 -22.45 -7.20 -10.67
CA LYS A 463 -22.51 -7.86 -11.97
C LYS A 463 -21.73 -9.17 -11.81
N PRO A 464 -21.86 -10.14 -12.75
CA PRO A 464 -20.97 -11.30 -12.69
C PRO A 464 -19.54 -10.78 -12.90
N THR A 465 -18.56 -11.37 -12.22
CA THR A 465 -17.16 -10.96 -12.31
C THR A 465 -16.63 -11.02 -13.74
N SER A 466 -15.87 -9.99 -14.14
CA SER A 466 -15.32 -9.85 -15.49
C SER A 466 -14.30 -10.94 -15.84
N GLY A 467 -13.74 -11.53 -14.80
CA GLY A 467 -12.75 -12.57 -14.90
C GLY A 467 -12.87 -13.54 -13.75
N PRO A 468 -12.09 -14.63 -13.78
CA PRO A 468 -12.16 -15.61 -12.69
C PRO A 468 -11.65 -14.98 -11.40
N VAL A 469 -12.26 -15.38 -10.29
CA VAL A 469 -11.97 -14.87 -8.97
C VAL A 469 -10.83 -15.63 -8.29
N LEU A 470 -9.83 -14.90 -7.72
CA LEU A 470 -8.77 -15.49 -6.89
C LEU A 470 -9.19 -15.41 -5.43
N THR A 471 -9.78 -14.25 -5.03
CA THR A 471 -10.25 -14.01 -3.66
C THR A 471 -11.22 -12.86 -3.55
N VAL A 472 -12.06 -12.94 -2.54
CA VAL A 472 -13.00 -11.90 -2.11
C VAL A 472 -12.79 -11.92 -0.62
N THR A 473 -12.22 -10.83 -0.07
CA THR A 473 -11.83 -10.81 1.33
C THR A 473 -12.20 -9.54 2.08
N LEU A 474 -12.52 -9.69 3.37
CA LEU A 474 -12.76 -8.62 4.27
C LEU A 474 -11.59 -8.70 5.25
N PHE A 475 -10.58 -7.80 5.04
CA PHE A 475 -9.34 -7.79 5.82
C PHE A 475 -9.47 -6.72 6.93
N GLY A 476 -9.58 -7.18 8.17
CA GLY A 476 -9.78 -6.29 9.32
C GLY A 476 -8.59 -6.17 10.22
N ARG A 477 -8.39 -4.97 10.78
CA ARG A 477 -7.29 -4.69 11.69
C ARG A 477 -7.84 -4.22 13.02
N LEU A 478 -7.36 -4.84 14.11
CA LEU A 478 -7.72 -4.43 15.47
C LEU A 478 -6.44 -3.88 16.01
N TYR A 479 -6.22 -2.57 15.77
CA TYR A 479 -4.97 -1.91 16.15
C TYR A 479 -4.64 -2.04 17.65
N GLU A 480 -5.63 -1.92 18.52
CA GLU A 480 -5.47 -2.00 19.99
C GLU A 480 -4.91 -3.34 20.52
N LYS A 481 -5.02 -4.42 19.74
CA LYS A 481 -4.56 -5.74 20.21
C LYS A 481 -3.17 -6.09 19.70
N ASP A 482 -2.46 -5.13 19.08
CA ASP A 482 -1.12 -5.31 18.52
C ASP A 482 -0.07 -5.58 19.62
C1 NAG B . -22.71 -1.77 14.65
C2 NAG B . -22.79 -0.73 15.77
C3 NAG B . -22.36 -1.66 16.90
C4 NAG B . -23.47 -2.65 17.21
C5 NAG B . -23.73 -3.53 15.98
C6 NAG B . -25.04 -4.29 16.03
C7 NAG B . -22.26 1.56 15.04
C8 NAG B . -21.33 2.71 15.26
N2 NAG B . -21.90 0.41 15.63
O3 NAG B . -21.92 -0.94 18.04
O4 NAG B . -23.11 -3.44 18.32
O5 NAG B . -23.76 -2.74 14.77
O6 NAG B . -26.14 -3.41 16.29
O7 NAG B . -23.30 1.68 14.39
C1 NAG B . -24.02 -3.57 19.39
C2 NAG B . -23.68 -4.83 20.17
C3 NAG B . -24.75 -4.98 21.25
C4 NAG B . -24.73 -3.76 22.16
C5 NAG B . -24.94 -2.50 21.32
C6 NAG B . -24.84 -1.20 22.08
C7 NAG B . -22.44 -6.57 18.96
C8 NAG B . -22.55 -7.85 18.16
N2 NAG B . -23.60 -6.02 19.35
O3 NAG B . -24.51 -6.16 22.00
O4 NAG B . -25.74 -3.87 23.16
O5 NAG B . -23.94 -2.45 20.29
O6 NAG B . -25.55 -0.18 21.40
O7 NAG B . -21.34 -6.07 19.23
C1 BMA B . -25.34 -4.26 24.45
C2 BMA B . -26.09 -3.44 25.49
C3 BMA B . -26.25 -4.22 26.80
C4 BMA B . -25.17 -5.27 27.03
C5 BMA B . -24.96 -6.19 25.82
C6 BMA B . -25.54 -7.58 26.02
O2 BMA B . -27.37 -3.09 24.98
O3 BMA B . -27.55 -4.79 26.90
O4 BMA B . -23.94 -4.68 27.44
O5 BMA B . -25.58 -5.66 24.64
O6 BMA B . -25.24 -8.44 24.93
C1 NAG C . -7.10 23.47 2.66
C2 NAG C . -7.66 24.08 3.94
C3 NAG C . -9.18 24.21 3.80
C4 NAG C . -9.53 24.95 2.51
C5 NAG C . -8.86 24.27 1.32
C6 NAG C . -9.08 24.95 -0.02
C7 NAG C . -6.30 23.49 5.91
C8 NAG C . -6.15 22.54 7.07
N2 NAG C . -7.32 23.23 5.08
O3 NAG C . -9.66 24.96 4.90
O4 NAG C . -10.95 24.90 2.37
O5 NAG C . -7.43 24.28 1.55
O6 NAG C . -8.67 26.31 0.02
O7 NAG C . -5.54 24.44 5.74
C1 NAG C . -11.62 26.09 2.12
C2 NAG C . -12.98 25.72 1.53
C3 NAG C . -13.82 26.98 1.32
C4 NAG C . -13.88 27.84 2.58
C5 NAG C . -12.47 28.05 3.15
C6 NAG C . -12.45 28.73 4.50
C7 NAG C . -12.84 23.71 0.15
C8 NAG C . -12.75 23.18 -1.26
N2 NAG C . -12.76 25.04 0.27
O3 NAG C . -15.12 26.52 0.97
O4 NAG C . -14.40 29.11 2.28
O5 NAG C . -11.86 26.76 3.35
O6 NAG C . -13.12 27.92 5.46
O7 NAG C . -12.94 22.96 1.11
C1 BMA C . -15.71 29.38 2.63
C2 BMA C . -15.90 30.89 2.78
C3 BMA C . -17.37 31.11 3.16
C4 BMA C . -18.27 30.62 2.05
C5 BMA C . -18.02 29.13 1.84
C6 BMA C . -18.74 28.63 0.63
O2 BMA C . -15.53 31.54 1.57
O3 BMA C . -17.78 32.43 3.57
O4 BMA C . -19.61 30.75 2.51
O5 BMA C . -16.61 28.87 1.63
O6 BMA C . -19.03 27.26 0.68
C1 BMA C . -18.35 26.67 -0.35
C2 BMA C . -18.28 25.18 -0.15
C3 BMA C . -17.05 24.81 -0.99
C4 BMA C . -17.24 25.25 -2.45
C5 BMA C . -17.72 26.70 -2.55
C6 BMA C . -18.14 27.15 -3.93
O2 BMA C . -19.49 24.56 -0.59
O3 BMA C . -16.54 23.49 -0.76
O4 BMA C . -15.94 25.28 -3.01
O5 BMA C . -18.82 26.95 -1.65
O6 BMA C . -19.25 26.42 -4.43
C1 BMA C . -17.33 22.36 -0.69
C2 BMA C . -16.44 21.14 -0.88
C3 BMA C . -17.33 19.90 -0.98
C4 BMA C . -18.33 19.82 0.18
C5 BMA C . -18.97 21.17 0.46
C6 BMA C . -19.82 21.22 1.70
O2 BMA C . -15.56 21.02 0.24
O3 BMA C . -16.52 18.74 -1.04
O4 BMA C . -19.38 18.93 -0.19
O5 BMA C . -17.98 22.21 0.57
O6 BMA C . -20.65 22.37 1.67
C1 BMA C . -16.94 33.45 3.52
C2 BMA C . -17.71 34.73 3.37
C3 BMA C . -16.70 35.70 2.79
C4 BMA C . -15.38 35.71 3.55
C5 BMA C . -14.93 34.34 4.07
C6 BMA C . -13.86 34.40 5.13
O2 BMA C . -18.20 35.16 4.66
O3 BMA C . -17.28 36.99 2.74
O4 BMA C . -14.36 36.13 2.64
O5 BMA C . -16.03 33.57 4.60
O6 BMA C . -13.23 33.14 5.30
C1 NAG D . 15.45 23.70 -14.16
C2 NAG D . 16.67 22.82 -14.46
C3 NAG D . 17.97 23.56 -14.12
C4 NAG D . 18.02 24.96 -14.74
C5 NAG D . 16.73 25.73 -14.43
C6 NAG D . 16.63 27.04 -15.18
C7 NAG D . 15.97 20.47 -14.18
C8 NAG D . 16.32 19.20 -13.48
N2 NAG D . 16.60 21.57 -13.73
O3 NAG D . 19.08 22.80 -14.57
O4 NAG D . 19.15 25.66 -14.24
O5 NAG D . 15.60 24.94 -14.83
O6 NAG D . 15.31 27.31 -15.62
O7 NAG D . 15.16 20.50 -15.10
N3 9S5 E . 4.91 -6.88 2.19
C4 9S5 E . 4.02 -7.78 5.64
N2 9S5 E . 5.46 -8.96 4.09
C7 9S5 E . 5.86 -5.96 2.59
C6 9S5 E . 5.96 -9.60 5.18
C9 9S5 E . 7.68 -4.07 3.30
C13 9S5 E . 11.76 -1.63 2.49
C8 9S5 E . 6.72 -4.56 4.21
N5 9S5 E . 6.76 -5.55 1.62
C18 9S5 E . 12.87 -4.78 0.55
C16 9S5 E . 12.81 -3.79 3.22
C19 9S5 E . 12.55 -3.31 0.79
C1 9S5 E . 2.96 -8.33 2.42
C2 9S5 E . 3.88 -7.35 3.14
C3 9S5 E . 4.49 -8.05 4.33
N1 9S5 E . 4.50 -8.42 6.72
C5 9S5 E . 5.48 -9.34 6.48
N4 9S5 E . 5.80 -5.48 3.90
C10 9S5 E . 7.64 -4.60 2.01
C11 9S5 E . 8.54 -2.96 3.73
O1 9S5 E . 8.20 -2.19 4.62
N6 9S5 E . 9.74 -2.74 3.08
C12 9S5 E . 10.56 -1.55 3.43
C14 9S5 E . 11.92 -3.11 2.17
C15 9S5 E . 10.47 -3.68 2.23
C17 9S5 E . 13.13 -5.23 2.83
O2 9S5 E . 13.70 -5.29 1.55
H8 9S5 E . 5.06 -7.39 1.32
H5 9S5 E . 3.24 -7.03 5.84
H7 9S5 E . 6.75 -10.33 4.98
H13 9S5 E . 11.58 -1.03 1.58
H14 9S5 E . 12.66 -1.18 2.94
H9 9S5 E . 6.66 -4.17 5.24
H22 9S5 E . 11.94 -5.39 0.44
H21 9S5 E . 13.46 -4.93 -0.39
H18 9S5 E . 13.76 -3.22 3.34
H17 9S5 E . 12.33 -3.75 4.22
H23 9S5 E . 11.90 -2.92 -0.02
H24 9S5 E . 13.48 -2.70 0.72
H2 9S5 E . 2.21 -8.73 3.12
H3 9S5 E . 3.49 -9.20 2.01
H4 9S5 E . 2.42 -7.86 1.59
H1 9S5 E . 3.30 -6.45 3.48
H6 9S5 E . 5.87 -9.87 7.35
H10 9S5 E . 8.31 -4.26 1.21
H11 9S5 E . 10.85 -1.57 4.51
H12 9S5 E . 9.96 -0.62 3.32
H16 9S5 E . 10.01 -3.74 1.22
H15 9S5 E . 10.43 -4.71 2.63
H19 9S5 E . 13.91 -5.67 3.48
H20 9S5 E . 12.24 -5.90 2.91
C1 NAG F . -28.59 -19.19 -0.57
C2 NAG F . -29.47 -20.14 -1.39
C3 NAG F . -30.44 -19.33 -2.25
C4 NAG F . -31.26 -18.36 -1.40
C5 NAG F . -30.33 -17.47 -0.58
C6 NAG F . -31.06 -16.61 0.42
C7 NAG F . -28.32 -22.29 -1.83
C8 NAG F . -27.76 -23.18 -2.90
N2 NAG F . -28.69 -21.06 -2.21
O3 NAG F . -31.31 -20.23 -2.95
O4 NAG F . -32.08 -17.56 -2.24
O5 NAG F . -29.40 -18.28 0.18
O6 NAG F . -31.59 -17.36 1.50
O7 NAG F . -28.45 -22.68 -0.66
#